data_8JWY
#
_entry.id   8JWY
#
_cell.length_a   46.920
_cell.length_b   76.380
_cell.length_c   85.340
_cell.angle_alpha   90.000
_cell.angle_beta   101.970
_cell.angle_gamma   90.000
#
_symmetry.space_group_name_H-M   'P 1 21 1'
#
loop_
_entity.id
_entity.type
_entity.pdbx_description
1 polymer 'Adenosine receptor A2a,Endolysin'
2 non-polymer 3-[2-azanyl-6-[2-oxidanylidene-1-[[6-(2-oxidanylpropan-2-yl)pyridin-2-yl]methyl]pyridin-4-yl]pyrimidin-4-yl]-2-methyl-benzenecarbonitrile
3 non-polymer CHOLESTEROL
4 non-polymer 'OLEIC ACID'
5 non-polymer 'SODIUM ION'
6 non-polymer '(2R)-2,3-dihydroxypropyl (9Z)-octadec-9-enoate'
7 water water
#
_entity_poly.entity_id   1
_entity_poly.type   'polypeptide(L)'
_entity_poly.pdbx_seq_one_letter_code
;DYKDDDDGAPIMGSSVYITVELAIAVLAILGNVLVCWAVWLNSNLQNVTNYFVVSLAAADIAVGVLAIPFAITISTGFCA
ACHGCLFIACFVLVLTQSSIFSLLAIAIDRYIAIRIPLRYNGLVTGTRAKGIIAICWVLSFAIGLTPMLGWNNCGQPKEG
KNHSQGCGEGQVACLFEDVVPMNYMVYFNFFACVLVPLLLMLGVYLRIFLAARRQLNIFEMLRIDEGLRLKIYKDTEGYY
TIGIGHLLTKSPSLNAAKSELDKAIGRNTNGVITKDEAEKLFNQDVDAAVRGILRNAKLKPVYDSLDAVRRAALINMVFQ
MGETGVAGFTNSLRMLQQKRWDEAAVNLAKSRWYNQTPNRAKRVITTFRTGTWDAYRSTLQKEVHAAKSLAIIVGLFALC
WLPLHIINCFTFFCPDCSHAPLWLMYLAIVLSHTNSVVNPFIYAYRIREFRQTFRKIIRSHVLRQQEPFKAHHHHHHHHH
H
;
_entity_poly.pdbx_strand_id   A
#
loop_
_chem_comp.id
_chem_comp.type
_chem_comp.name
_chem_comp.formula
CLR non-polymer CHOLESTEROL 'C27 H46 O'
NA non-polymer 'SODIUM ION' 'Na 1'
OLA non-polymer 'OLEIC ACID' 'C18 H34 O2'
OLC non-polymer '(2R)-2,3-dihydroxypropyl (9Z)-octadec-9-enoate' 'C21 H40 O4'
VBF non-polymer 3-[2-azanyl-6-[2-oxidanylidene-1-[[6-(2-oxidanylpropan-2-yl)pyridin-2-yl]methyl]pyridin-4-yl]pyrimidin-4-yl]-2-methyl-benzenecarbonitrile 'C26 H24 N6 O2'
#
# COMPACT_ATOMS: atom_id res chain seq x y z
N ILE A 11 24.62 1.04 -40.66
CA ILE A 11 23.96 0.34 -39.57
C ILE A 11 22.48 0.17 -39.86
N MET A 12 21.99 -1.04 -39.66
CA MET A 12 20.58 -1.34 -39.88
C MET A 12 19.74 -0.86 -38.70
N GLY A 13 18.53 -0.40 -39.00
CA GLY A 13 17.59 -0.04 -37.94
C GLY A 13 17.21 -1.22 -37.08
N SER A 14 17.23 -2.43 -37.65
CA SER A 14 16.98 -3.63 -36.86
C SER A 14 18.08 -3.84 -35.84
N SER A 15 19.33 -3.54 -36.21
CA SER A 15 20.45 -3.69 -35.28
C SER A 15 20.34 -2.71 -34.11
N VAL A 16 19.79 -1.53 -34.35
CA VAL A 16 19.57 -0.58 -33.26
C VAL A 16 18.46 -1.07 -32.35
N TYR A 17 17.36 -1.53 -32.93
CA TYR A 17 16.23 -2.03 -32.15
C TYR A 17 16.66 -3.23 -31.29
N ILE A 18 17.39 -4.18 -31.88
CA ILE A 18 17.81 -5.36 -31.13
C ILE A 18 18.76 -4.97 -30.01
N THR A 19 19.72 -4.08 -30.30
CA THR A 19 20.67 -3.65 -29.28
C THR A 19 19.95 -2.96 -28.12
N VAL A 20 18.95 -2.14 -28.43
CA VAL A 20 18.19 -1.46 -27.37
C VAL A 20 17.40 -2.48 -26.56
N GLU A 21 16.79 -3.46 -27.22
CA GLU A 21 16.02 -4.47 -26.51
C GLU A 21 16.90 -5.33 -25.62
N LEU A 22 18.07 -5.72 -26.13
CA LEU A 22 18.98 -6.55 -25.33
C LEU A 22 19.53 -5.77 -24.14
N ALA A 23 19.77 -4.47 -24.31
CA ALA A 23 20.22 -3.67 -23.18
C ALA A 23 19.13 -3.55 -22.11
N ILE A 24 17.88 -3.36 -22.54
CA ILE A 24 16.77 -3.34 -21.59
C ILE A 24 16.62 -4.70 -20.92
N ALA A 25 16.84 -5.78 -21.67
CA ALA A 25 16.76 -7.12 -21.10
C ALA A 25 17.79 -7.32 -20.00
N VAL A 26 19.04 -6.87 -20.24
CA VAL A 26 20.08 -7.05 -19.25
C VAL A 26 19.81 -6.22 -18.01
N LEU A 27 19.36 -4.98 -18.19
CA LEU A 27 19.08 -4.13 -17.04
C LEU A 27 17.88 -4.67 -16.25
N ALA A 28 16.89 -5.23 -16.94
CA ALA A 28 15.73 -5.79 -16.25
C ALA A 28 16.12 -6.99 -15.40
N ILE A 29 16.93 -7.89 -15.95
CA ILE A 29 17.36 -9.06 -15.20
C ILE A 29 18.25 -8.65 -14.03
N LEU A 30 19.28 -7.84 -14.31
CA LEU A 30 20.25 -7.49 -13.27
C LEU A 30 19.59 -6.71 -12.14
N GLY A 31 18.79 -5.70 -12.48
CA GLY A 31 18.17 -4.88 -11.46
C GLY A 31 17.20 -5.65 -10.58
N ASN A 32 16.37 -6.50 -11.20
CA ASN A 32 15.35 -7.21 -10.44
C ASN A 32 15.88 -8.46 -9.76
N VAL A 33 17.00 -9.02 -10.24
CA VAL A 33 17.70 -10.03 -9.44
C VAL A 33 18.25 -9.40 -8.17
N LEU A 34 18.76 -8.18 -8.28
CA LEU A 34 19.24 -7.46 -7.11
C LEU A 34 18.12 -7.24 -6.10
N VAL A 35 16.89 -7.06 -6.56
CA VAL A 35 15.76 -6.85 -5.65
C VAL A 35 15.47 -8.12 -4.86
N CYS A 36 15.36 -9.25 -5.55
CA CYS A 36 15.12 -10.52 -4.86
C CYS A 36 16.30 -10.89 -3.98
N TRP A 37 17.52 -10.61 -4.44
CA TRP A 37 18.71 -10.89 -3.65
C TRP A 37 18.71 -10.11 -2.35
N ALA A 38 18.30 -8.83 -2.42
CA ALA A 38 18.25 -8.00 -1.22
C ALA A 38 17.24 -8.52 -0.21
N VAL A 39 16.04 -8.90 -0.69
CA VAL A 39 15.01 -9.41 0.21
C VAL A 39 15.47 -10.72 0.86
N TRP A 40 16.15 -11.57 0.08
CA TRP A 40 16.63 -12.84 0.62
C TRP A 40 17.74 -12.64 1.64
N LEU A 41 18.51 -11.56 1.51
CA LEU A 41 19.65 -11.31 2.39
C LEU A 41 19.26 -10.57 3.67
N ASN A 42 18.33 -9.63 3.58
CA ASN A 42 18.02 -8.73 4.68
C ASN A 42 16.70 -9.14 5.34
N SER A 43 16.78 -9.50 6.62
CA SER A 43 15.57 -9.86 7.35
C SER A 43 14.66 -8.65 7.54
N ASN A 44 15.22 -7.44 7.57
CA ASN A 44 14.41 -6.24 7.68
C ASN A 44 13.56 -5.98 6.44
N LEU A 45 13.85 -6.65 5.33
CA LEU A 45 13.05 -6.56 4.12
C LEU A 45 12.12 -7.75 3.93
N GLN A 46 12.04 -8.64 4.92
CA GLN A 46 11.24 -9.85 4.80
C GLN A 46 9.89 -9.68 5.49
N ASN A 47 9.14 -8.71 4.97
CA ASN A 47 7.76 -8.47 5.35
C ASN A 47 6.83 -8.89 4.21
N VAL A 48 5.52 -8.82 4.48
CA VAL A 48 4.55 -9.29 3.50
C VAL A 48 4.54 -8.39 2.28
N THR A 49 4.72 -7.07 2.48
CA THR A 49 4.70 -6.14 1.36
C THR A 49 5.75 -6.49 0.31
N ASN A 50 6.93 -6.93 0.75
CA ASN A 50 8.00 -7.29 -0.17
C ASN A 50 7.84 -8.68 -0.76
N TYR A 51 6.91 -9.49 -0.25
CA TYR A 51 6.55 -10.72 -0.95
C TYR A 51 5.98 -10.40 -2.32
N PHE A 52 5.12 -9.38 -2.39
CA PHE A 52 4.57 -8.95 -3.67
C PHE A 52 5.59 -8.17 -4.48
N VAL A 53 6.54 -7.50 -3.83
CA VAL A 53 7.64 -6.87 -4.55
C VAL A 53 8.48 -7.92 -5.25
N VAL A 54 8.73 -9.05 -4.58
CA VAL A 54 9.51 -10.13 -5.19
C VAL A 54 8.75 -10.75 -6.34
N SER A 55 7.44 -10.99 -6.16
CA SER A 55 6.63 -11.52 -7.26
C SER A 55 6.63 -10.56 -8.44
N LEU A 56 6.55 -9.26 -8.17
CA LEU A 56 6.67 -8.25 -9.23
C LEU A 56 8.05 -8.28 -9.85
N ALA A 57 9.10 -8.44 -9.04
CA ALA A 57 10.44 -8.52 -9.57
C ALA A 57 10.66 -9.77 -10.41
N ALA A 58 10.01 -10.88 -10.04
CA ALA A 58 10.15 -12.11 -10.82
C ALA A 58 9.52 -11.95 -12.20
N ALA A 59 8.37 -11.29 -12.28
CA ALA A 59 7.73 -11.07 -13.57
C ALA A 59 8.59 -10.21 -14.48
N ASP A 60 9.29 -9.23 -13.91
CA ASP A 60 10.14 -8.36 -14.72
C ASP A 60 11.42 -9.04 -15.14
N ILE A 61 11.93 -9.99 -14.34
CA ILE A 61 13.05 -10.81 -14.79
C ILE A 61 12.64 -11.63 -16.00
N ALA A 62 11.45 -12.24 -15.94
CA ALA A 62 10.97 -13.07 -17.05
C ALA A 62 10.76 -12.24 -18.30
N VAL A 63 10.49 -10.93 -18.15
CA VAL A 63 10.40 -10.07 -19.31
C VAL A 63 11.76 -10.00 -20.02
N GLY A 64 12.84 -9.94 -19.25
CA GLY A 64 14.16 -9.85 -19.85
C GLY A 64 14.65 -11.16 -20.43
N VAL A 65 14.27 -12.28 -19.82
CA VAL A 65 14.76 -13.59 -20.26
C VAL A 65 13.94 -14.14 -21.41
N LEU A 66 12.62 -13.89 -21.43
CA LEU A 66 11.73 -14.54 -22.39
C LEU A 66 10.91 -13.55 -23.20
N ALA A 67 10.22 -12.61 -22.54
CA ALA A 67 9.26 -11.77 -23.26
C ALA A 67 9.94 -10.90 -24.31
N ILE A 68 11.07 -10.29 -23.95
CA ILE A 68 11.79 -9.42 -24.87
C ILE A 68 12.37 -10.23 -26.03
N PRO A 69 13.03 -11.38 -25.78
CA PRO A 69 13.39 -12.24 -26.92
C PRO A 69 12.19 -12.67 -27.74
N PHE A 70 11.06 -12.94 -27.10
CA PHE A 70 9.85 -13.29 -27.85
C PHE A 70 9.40 -12.14 -28.73
N ALA A 71 9.53 -10.91 -28.23
CA ALA A 71 9.13 -9.74 -29.01
C ALA A 71 10.01 -9.58 -30.25
N ILE A 72 11.30 -9.86 -30.13
CA ILE A 72 12.21 -9.71 -31.27
C ILE A 72 11.86 -10.72 -32.36
N THR A 73 11.46 -11.94 -31.96
CA THR A 73 11.16 -12.96 -32.96
C THR A 73 9.86 -12.67 -33.69
N ILE A 74 8.81 -12.27 -32.98
CA ILE A 74 7.53 -11.99 -33.63
C ILE A 74 7.54 -10.69 -34.41
N SER A 75 8.53 -9.83 -34.21
CA SER A 75 8.67 -8.64 -35.05
C SER A 75 8.98 -9.00 -36.49
N THR A 76 9.41 -10.23 -36.77
CA THR A 76 9.66 -10.68 -38.13
C THR A 76 8.42 -11.25 -38.80
N GLY A 77 7.39 -11.61 -38.03
CA GLY A 77 6.19 -12.20 -38.61
C GLY A 77 6.44 -13.55 -39.26
N PHE A 78 7.29 -14.37 -38.65
CA PHE A 78 7.66 -15.65 -39.23
C PHE A 78 6.47 -16.61 -39.22
N CYS A 79 6.58 -17.67 -40.02
CA CYS A 79 5.54 -18.68 -40.12
C CYS A 79 5.66 -19.66 -38.96
N ALA A 80 4.54 -19.92 -38.30
CA ALA A 80 4.54 -20.81 -37.14
C ALA A 80 3.15 -21.39 -36.96
N ALA A 81 3.09 -22.52 -36.26
CA ALA A 81 1.81 -23.08 -35.85
C ALA A 81 1.08 -22.08 -34.95
N CYS A 82 -0.25 -22.10 -35.03
CA CYS A 82 -1.06 -21.07 -34.37
C CYS A 82 -0.89 -21.13 -32.86
N HIS A 83 -0.99 -22.31 -32.26
CA HIS A 83 -0.87 -22.42 -30.82
C HIS A 83 0.54 -22.12 -30.34
N GLY A 84 1.55 -22.44 -31.14
CA GLY A 84 2.92 -22.09 -30.77
C GLY A 84 3.19 -20.60 -30.95
N CYS A 85 2.62 -20.00 -31.99
CA CYS A 85 2.77 -18.56 -32.19
C CYS A 85 2.05 -17.78 -31.09
N LEU A 86 0.88 -18.26 -30.66
CA LEU A 86 0.13 -17.54 -29.64
C LEU A 86 0.88 -17.52 -28.32
N PHE A 87 1.61 -18.58 -27.99
CA PHE A 87 2.38 -18.57 -26.74
C PHE A 87 3.51 -17.54 -26.82
N ILE A 88 4.19 -17.45 -27.95
CA ILE A 88 5.26 -16.47 -28.09
C ILE A 88 4.70 -15.06 -28.00
N ALA A 89 3.49 -14.85 -28.52
CA ALA A 89 2.91 -13.51 -28.53
C ALA A 89 2.24 -13.16 -27.21
N CYS A 90 1.58 -14.13 -26.58
CA CYS A 90 0.75 -13.86 -25.40
C CYS A 90 1.49 -14.06 -24.08
N PHE A 91 2.76 -14.49 -24.10
CA PHE A 91 3.46 -14.70 -22.84
C PHE A 91 3.65 -13.40 -22.07
N VAL A 92 3.91 -12.30 -22.78
CA VAL A 92 4.07 -11.02 -22.11
C VAL A 92 2.76 -10.58 -21.46
N LEU A 93 1.61 -11.04 -21.99
CA LEU A 93 0.34 -10.73 -21.36
C LEU A 93 0.24 -11.38 -19.98
N VAL A 94 0.87 -12.54 -19.81
CA VAL A 94 0.88 -13.20 -18.50
C VAL A 94 1.72 -12.41 -17.52
N LEU A 95 2.91 -11.98 -17.93
CA LEU A 95 3.80 -11.25 -17.05
C LEU A 95 3.22 -9.88 -16.70
N THR A 96 2.56 -9.24 -17.65
CA THR A 96 1.94 -7.94 -17.38
C THR A 96 0.76 -8.10 -16.43
N GLN A 97 -0.05 -9.14 -16.59
CA GLN A 97 -1.16 -9.36 -15.69
C GLN A 97 -0.69 -9.67 -14.28
N SER A 98 0.38 -10.48 -14.15
CA SER A 98 0.95 -10.75 -12.84
C SER A 98 1.45 -9.48 -12.18
N SER A 99 2.04 -8.58 -12.97
CA SER A 99 2.48 -7.29 -12.43
C SER A 99 1.30 -6.49 -11.88
N ILE A 100 0.17 -6.53 -12.59
CA ILE A 100 -1.01 -5.79 -12.13
C ILE A 100 -1.51 -6.35 -10.80
N PHE A 101 -1.55 -7.68 -10.68
CA PHE A 101 -2.03 -8.28 -9.44
C PHE A 101 -1.09 -7.98 -8.28
N SER A 102 0.22 -7.98 -8.53
CA SER A 102 1.17 -7.64 -7.48
C SER A 102 1.05 -6.17 -7.09
N LEU A 103 0.93 -5.28 -8.08
CA LEU A 103 0.73 -3.86 -7.78
C LEU A 103 -0.59 -3.64 -7.05
N LEU A 104 -1.62 -4.39 -7.43
CA LEU A 104 -2.90 -4.30 -6.73
C LEU A 104 -2.77 -4.78 -5.29
N ALA A 105 -2.02 -5.86 -5.07
CA ALA A 105 -1.85 -6.38 -3.72
C ALA A 105 -1.03 -5.42 -2.85
N ILE A 106 0.00 -4.81 -3.43
CA ILE A 106 0.80 -3.83 -2.69
C ILE A 106 -0.07 -2.65 -2.26
N ALA A 107 -0.91 -2.16 -3.18
CA ALA A 107 -1.76 -1.01 -2.86
C ALA A 107 -2.74 -1.36 -1.74
N ILE A 108 -3.38 -2.52 -1.82
CA ILE A 108 -4.33 -2.92 -0.79
C ILE A 108 -3.62 -3.16 0.53
N ASP A 109 -2.46 -3.83 0.50
CA ASP A 109 -1.70 -4.09 1.71
C ASP A 109 -1.34 -2.80 2.43
N ARG A 110 -0.97 -1.76 1.69
CA ARG A 110 -0.63 -0.49 2.33
C ARG A 110 -1.86 0.23 2.84
N TYR A 111 -3.03 -0.03 2.25
CA TYR A 111 -4.25 0.62 2.74
C TYR A 111 -4.63 0.11 4.12
N ILE A 112 -4.74 -1.21 4.28
CA ILE A 112 -5.10 -1.76 5.57
C ILE A 112 -3.99 -1.53 6.59
N ALA A 113 -2.77 -1.26 6.12
CA ALA A 113 -1.68 -0.98 7.06
C ALA A 113 -1.87 0.36 7.75
N ILE A 114 -2.44 1.34 7.05
CA ILE A 114 -2.69 2.65 7.63
C ILE A 114 -4.12 2.81 8.15
N ARG A 115 -5.06 1.96 7.70
CA ARG A 115 -6.43 2.06 8.17
C ARG A 115 -6.65 1.25 9.45
N ILE A 116 -6.10 0.04 9.53
CA ILE A 116 -6.09 -0.71 10.79
C ILE A 116 -4.64 -0.98 11.20
N PRO A 117 -3.93 0.04 11.67
CA PRO A 117 -2.50 -0.14 11.94
C PRO A 117 -2.20 -1.11 13.07
N LEU A 118 -3.16 -1.35 13.96
CA LEU A 118 -2.94 -2.24 15.10
C LEU A 118 -3.19 -3.70 14.73
N ARG A 119 -4.25 -3.99 13.97
CA ARG A 119 -4.62 -5.34 13.60
C ARG A 119 -4.09 -5.74 12.22
N TYR A 120 -3.04 -5.06 11.74
CA TYR A 120 -2.50 -5.36 10.42
C TYR A 120 -1.84 -6.74 10.39
N ASN A 121 -1.05 -7.06 11.41
CA ASN A 121 -0.26 -8.29 11.37
C ASN A 121 -1.12 -9.54 11.55
N GLY A 122 -2.19 -9.44 12.33
CA GLY A 122 -3.06 -10.60 12.52
C GLY A 122 -3.80 -11.00 11.26
N LEU A 123 -4.12 -10.02 10.41
CA LEU A 123 -4.86 -10.27 9.18
C LEU A 123 -3.94 -10.50 7.98
N VAL A 124 -2.85 -9.74 7.88
CA VAL A 124 -1.92 -9.82 6.77
C VAL A 124 -0.73 -10.66 7.21
N THR A 125 -0.67 -11.90 6.73
CA THR A 125 0.36 -12.85 7.12
C THR A 125 1.12 -13.35 5.90
N GLY A 126 2.31 -13.88 6.14
CA GLY A 126 3.13 -14.40 5.06
C GLY A 126 2.51 -15.59 4.36
N THR A 127 1.82 -16.45 5.11
CA THR A 127 1.16 -17.61 4.51
C THR A 127 0.04 -17.18 3.58
N ARG A 128 -0.73 -16.17 3.98
CA ARG A 128 -1.81 -15.68 3.12
C ARG A 128 -1.24 -14.97 1.89
N ALA A 129 -0.18 -14.19 2.07
CA ALA A 129 0.45 -13.51 0.93
C ALA A 129 0.97 -14.51 -0.09
N LYS A 130 1.57 -15.61 0.38
CA LYS A 130 2.05 -16.62 -0.54
C LYS A 130 0.91 -17.32 -1.26
N GLY A 131 -0.24 -17.49 -0.58
CA GLY A 131 -1.40 -18.07 -1.23
C GLY A 131 -1.98 -17.15 -2.30
N ILE A 132 -2.05 -15.86 -2.00
CA ILE A 132 -2.57 -14.89 -2.97
C ILE A 132 -1.64 -14.83 -4.19
N ILE A 133 -0.34 -14.90 -3.95
CA ILE A 133 0.63 -14.82 -5.06
C ILE A 133 0.47 -16.01 -5.98
N ALA A 134 0.35 -17.22 -5.42
CA ALA A 134 0.17 -18.41 -6.23
C ALA A 134 -1.13 -18.36 -7.02
N ILE A 135 -2.20 -17.87 -6.38
CA ILE A 135 -3.48 -17.75 -7.07
C ILE A 135 -3.38 -16.73 -8.20
N CYS A 136 -2.75 -15.59 -7.93
CA CYS A 136 -2.66 -14.54 -8.94
C CYS A 136 -1.83 -14.99 -10.13
N TRP A 137 -0.77 -15.76 -9.89
CA TRP A 137 0.03 -16.27 -11.00
C TRP A 137 -0.78 -17.25 -11.85
N VAL A 138 -1.68 -18.02 -11.23
CA VAL A 138 -2.55 -18.90 -11.98
C VAL A 138 -3.53 -18.08 -12.82
N LEU A 139 -4.16 -17.07 -12.21
CA LEU A 139 -5.07 -16.21 -12.95
C LEU A 139 -4.37 -15.49 -14.10
N SER A 140 -3.12 -15.08 -13.88
CA SER A 140 -2.39 -14.38 -14.93
C SER A 140 -2.18 -15.26 -16.15
N PHE A 141 -1.84 -16.53 -15.93
CA PHE A 141 -1.70 -17.45 -17.06
C PHE A 141 -3.04 -17.70 -17.73
N ALA A 142 -4.11 -17.80 -16.94
CA ALA A 142 -5.44 -17.99 -17.51
C ALA A 142 -5.86 -16.77 -18.32
N ILE A 143 -5.53 -15.57 -17.84
CA ILE A 143 -5.91 -14.34 -18.54
C ILE A 143 -4.98 -14.09 -19.72
N GLY A 144 -3.67 -14.24 -19.49
CA GLY A 144 -2.72 -13.96 -20.56
C GLY A 144 -2.82 -14.93 -21.72
N LEU A 145 -2.99 -16.23 -21.42
CA LEU A 145 -3.05 -17.26 -22.44
C LEU A 145 -4.48 -17.59 -22.86
N THR A 146 -5.44 -16.71 -22.54
CA THR A 146 -6.80 -16.88 -23.03
C THR A 146 -6.90 -17.06 -24.55
N PRO A 147 -6.14 -16.35 -25.39
CA PRO A 147 -6.19 -16.63 -26.83
C PRO A 147 -5.77 -18.05 -27.19
N MET A 148 -4.98 -18.72 -26.35
CA MET A 148 -4.59 -20.10 -26.65
C MET A 148 -5.76 -21.06 -26.50
N LEU A 149 -6.76 -20.70 -25.69
CA LEU A 149 -7.88 -21.59 -25.40
C LEU A 149 -9.01 -21.48 -26.43
N GLY A 150 -8.81 -20.73 -27.51
CA GLY A 150 -9.80 -20.66 -28.57
C GLY A 150 -10.12 -19.27 -29.07
N TRP A 151 -9.85 -18.25 -28.25
CA TRP A 151 -10.16 -16.87 -28.59
C TRP A 151 -9.00 -16.26 -29.38
N ASN A 152 -8.87 -16.71 -30.63
CA ASN A 152 -7.75 -16.27 -31.46
C ASN A 152 -8.21 -16.20 -32.91
N ASN A 153 -7.35 -15.61 -33.75
CA ASN A 153 -7.65 -15.39 -35.17
C ASN A 153 -6.78 -16.26 -36.08
N CYS A 154 -6.29 -17.39 -35.57
CA CYS A 154 -5.59 -18.36 -36.41
C CYS A 154 -6.22 -19.75 -36.35
N GLY A 155 -7.42 -19.88 -35.80
CA GLY A 155 -8.12 -21.14 -35.77
C GLY A 155 -8.99 -21.42 -36.98
N GLN A 156 -8.89 -20.60 -38.02
CA GLN A 156 -9.71 -20.78 -39.21
C GLN A 156 -8.85 -20.95 -40.46
N SER A 164 -1.49 -14.44 -43.92
CA SER A 164 -0.81 -15.69 -43.62
C SER A 164 -0.61 -16.53 -44.88
N GLN A 165 -1.09 -16.02 -46.01
CA GLN A 165 -0.82 -16.67 -47.28
C GLN A 165 0.66 -16.56 -47.61
N GLY A 166 1.29 -17.69 -47.91
CA GLY A 166 2.73 -17.76 -48.02
C GLY A 166 3.42 -18.40 -46.85
N CYS A 167 2.67 -19.07 -45.97
CA CYS A 167 3.23 -19.77 -44.83
C CYS A 167 3.01 -21.28 -44.91
N GLY A 168 2.12 -21.75 -45.78
CA GLY A 168 1.76 -23.15 -45.79
C GLY A 168 0.67 -23.43 -44.79
N GLU A 169 -0.26 -24.31 -45.15
CA GLU A 169 -1.38 -24.62 -44.26
C GLU A 169 -0.86 -25.26 -42.97
N GLY A 170 -1.63 -25.08 -41.90
CA GLY A 170 -1.19 -25.49 -40.58
C GLY A 170 -0.22 -24.52 -39.92
N GLN A 171 0.18 -23.46 -40.61
CA GLN A 171 1.02 -22.41 -40.06
C GLN A 171 0.41 -21.06 -40.39
N VAL A 172 0.78 -20.05 -39.61
CA VAL A 172 0.33 -18.69 -39.82
C VAL A 172 1.51 -17.74 -39.63
N ALA A 173 1.41 -16.57 -40.24
CA ALA A 173 2.41 -15.52 -40.01
C ALA A 173 2.26 -14.99 -38.59
N CYS A 174 3.28 -15.18 -37.77
CA CYS A 174 3.20 -14.83 -36.34
C CYS A 174 3.29 -13.31 -36.19
N LEU A 175 2.15 -12.66 -36.40
CA LEU A 175 2.00 -11.23 -36.18
C LEU A 175 0.98 -11.04 -35.08
N PHE A 176 1.31 -10.19 -34.10
CA PHE A 176 0.49 -10.06 -32.89
C PHE A 176 -0.95 -9.67 -33.23
N GLU A 177 -1.11 -8.55 -33.94
CA GLU A 177 -2.46 -8.09 -34.29
C GLU A 177 -3.15 -9.02 -35.28
N ASP A 178 -2.41 -9.92 -35.93
CA ASP A 178 -3.03 -10.90 -36.81
C ASP A 178 -3.62 -12.07 -36.04
N VAL A 179 -3.05 -12.41 -34.88
CA VAL A 179 -3.43 -13.61 -34.17
C VAL A 179 -4.18 -13.32 -32.86
N VAL A 180 -3.89 -12.21 -32.20
CA VAL A 180 -4.55 -11.86 -30.94
C VAL A 180 -5.75 -10.99 -31.27
N PRO A 181 -6.98 -11.44 -30.97
CA PRO A 181 -8.16 -10.64 -31.30
C PRO A 181 -8.14 -9.29 -30.60
N MET A 182 -8.56 -8.25 -31.32
CA MET A 182 -8.54 -6.90 -30.78
C MET A 182 -9.62 -6.70 -29.72
N ASN A 183 -10.76 -7.40 -29.84
CA ASN A 183 -11.79 -7.28 -28.82
C ASN A 183 -11.34 -7.91 -27.51
N TYR A 184 -10.48 -8.93 -27.57
CA TYR A 184 -9.82 -9.41 -26.37
C TYR A 184 -8.89 -8.33 -25.80
N MET A 185 -8.08 -7.71 -26.67
CA MET A 185 -7.11 -6.73 -26.22
C MET A 185 -7.78 -5.50 -25.62
N VAL A 186 -8.99 -5.16 -26.07
CA VAL A 186 -9.64 -3.92 -25.65
C VAL A 186 -10.61 -4.19 -24.50
N TYR A 187 -11.59 -5.07 -24.73
CA TYR A 187 -12.65 -5.27 -23.74
C TYR A 187 -12.15 -6.08 -22.55
N PHE A 188 -11.56 -7.25 -22.81
CA PHE A 188 -11.18 -8.15 -21.72
C PHE A 188 -9.87 -7.72 -21.07
N ASN A 189 -8.84 -7.48 -21.87
CA ASN A 189 -7.52 -7.18 -21.31
C ASN A 189 -7.45 -5.75 -20.79
N PHE A 190 -7.65 -4.76 -21.67
CA PHE A 190 -7.51 -3.37 -21.27
C PHE A 190 -8.57 -2.95 -20.27
N PHE A 191 -9.84 -2.93 -20.69
CA PHE A 191 -10.90 -2.34 -19.87
C PHE A 191 -11.07 -3.11 -18.57
N ALA A 192 -11.14 -4.44 -18.64
CA ALA A 192 -11.48 -5.21 -17.45
C ALA A 192 -10.25 -5.55 -16.62
N CYS A 193 -9.16 -5.99 -17.27
CA CYS A 193 -8.01 -6.52 -16.57
C CYS A 193 -6.92 -5.49 -16.32
N VAL A 194 -7.01 -4.30 -16.90
CA VAL A 194 -5.96 -3.31 -16.69
C VAL A 194 -6.56 -2.02 -16.16
N LEU A 195 -7.52 -1.47 -16.88
CA LEU A 195 -8.07 -0.16 -16.53
C LEU A 195 -8.76 -0.20 -15.17
N VAL A 196 -9.57 -1.24 -14.93
CA VAL A 196 -10.28 -1.35 -13.65
C VAL A 196 -9.30 -1.49 -12.48
N PRO A 197 -8.32 -2.40 -12.52
CA PRO A 197 -7.35 -2.44 -11.40
C PRO A 197 -6.55 -1.17 -11.26
N LEU A 198 -6.20 -0.51 -12.37
CA LEU A 198 -5.45 0.74 -12.28
C LEU A 198 -6.27 1.84 -11.61
N LEU A 199 -7.56 1.91 -11.92
CA LEU A 199 -8.42 2.92 -11.29
C LEU A 199 -8.68 2.59 -9.83
N LEU A 200 -8.82 1.29 -9.52
CA LEU A 200 -8.96 0.89 -8.12
C LEU A 200 -7.70 1.25 -7.34
N MET A 201 -6.54 0.99 -7.93
CA MET A 201 -5.28 1.37 -7.28
C MET A 201 -5.21 2.88 -7.08
N LEU A 202 -5.73 3.65 -8.03
CA LEU A 202 -5.76 5.10 -7.88
C LEU A 202 -6.64 5.53 -6.71
N GLY A 203 -7.77 4.84 -6.53
CA GLY A 203 -8.63 5.16 -5.41
C GLY A 203 -8.08 4.72 -4.07
N VAL A 204 -7.38 3.59 -4.04
CA VAL A 204 -6.79 3.11 -2.80
C VAL A 204 -5.69 4.04 -2.32
N TYR A 205 -4.79 4.43 -3.23
CA TYR A 205 -3.70 5.31 -2.85
C TYR A 205 -4.22 6.71 -2.52
N LEU A 206 -5.23 7.18 -3.25
CA LEU A 206 -5.89 8.43 -2.86
C LEU A 206 -6.46 8.34 -1.46
N ARG A 207 -7.10 7.21 -1.13
CA ARG A 207 -7.64 7.02 0.20
C ARG A 207 -6.53 6.95 1.24
N ILE A 208 -5.38 6.40 0.87
CA ILE A 208 -4.23 6.39 1.78
C ILE A 208 -3.72 7.81 1.99
N PHE A 209 -3.58 8.58 0.92
CA PHE A 209 -3.04 9.93 1.03
C PHE A 209 -3.97 10.86 1.80
N LEU A 210 -5.29 10.67 1.66
CA LEU A 210 -6.23 11.52 2.39
C LEU A 210 -6.24 11.18 3.87
N ALA A 211 -6.11 9.89 4.21
CA ALA A 211 -6.04 9.50 5.61
C ALA A 211 -4.82 10.08 6.30
N ALA A 212 -3.70 10.17 5.58
CA ALA A 212 -2.51 10.81 6.11
C ALA A 212 -2.69 12.32 6.26
N ARG A 213 -3.58 12.93 5.49
CA ARG A 213 -3.85 14.36 5.56
C ARG A 213 -5.08 14.69 6.38
N ARG A 214 -5.60 13.75 7.15
CA ARG A 214 -6.78 14.00 7.96
C ARG A 214 -6.48 15.08 9.00
N GLN A 215 -7.51 15.85 9.34
CA GLN A 215 -7.37 16.84 10.39
C GLN A 215 -7.21 16.15 11.74
N LEU A 216 -6.29 16.67 12.55
CA LEU A 216 -6.02 16.12 13.87
C LEU A 216 -6.83 16.87 14.91
N ASN A 217 -7.31 16.13 15.91
CA ASN A 217 -8.09 16.67 17.03
C ASN A 217 -7.92 15.71 18.20
N ILE A 218 -8.74 15.90 19.24
CA ILE A 218 -8.65 15.06 20.43
C ILE A 218 -9.08 13.63 20.11
N PHE A 219 -10.06 13.47 19.21
CA PHE A 219 -10.52 12.14 18.85
C PHE A 219 -9.46 11.37 18.10
N GLU A 220 -8.74 12.04 17.19
CA GLU A 220 -7.70 11.37 16.43
C GLU A 220 -6.43 11.18 17.25
N MET A 221 -6.20 12.05 18.24
CA MET A 221 -5.01 11.91 19.09
C MET A 221 -5.09 10.63 19.91
N LEU A 222 -6.24 10.35 20.52
CA LEU A 222 -6.37 9.13 21.30
C LEU A 222 -6.72 7.91 20.46
N ARG A 223 -7.22 8.12 19.24
CA ARG A 223 -7.30 7.02 18.29
C ARG A 223 -5.91 6.44 18.02
N ILE A 224 -4.91 7.31 17.92
CA ILE A 224 -3.54 6.85 17.72
C ILE A 224 -2.99 6.22 18.99
N ASP A 225 -3.35 6.77 20.15
CA ASP A 225 -2.78 6.30 21.41
C ASP A 225 -3.52 5.10 21.99
N GLU A 226 -4.83 5.01 21.76
CA GLU A 226 -5.63 3.94 22.37
C GLU A 226 -6.41 3.10 21.37
N GLY A 227 -6.39 3.45 20.08
CA GLY A 227 -7.02 2.64 19.06
C GLY A 227 -8.50 2.94 18.87
N LEU A 228 -8.98 2.56 17.69
CA LEU A 228 -10.39 2.65 17.34
C LEU A 228 -10.88 1.27 16.93
N ARG A 229 -11.92 0.77 17.58
CA ARG A 229 -12.54 -0.49 17.25
C ARG A 229 -14.04 -0.28 17.10
N LEU A 230 -14.56 -0.54 15.90
CA LEU A 230 -15.98 -0.42 15.64
C LEU A 230 -16.75 -1.69 16.00
N LYS A 231 -16.07 -2.74 16.40
CA LYS A 231 -16.69 -3.98 16.85
C LYS A 231 -16.27 -4.23 18.30
N ILE A 232 -17.20 -4.77 19.09
CA ILE A 232 -16.91 -5.03 20.50
C ILE A 232 -15.76 -6.01 20.62
N TYR A 233 -14.86 -5.72 21.56
CA TYR A 233 -13.66 -6.52 21.79
C TYR A 233 -13.36 -6.57 23.28
N LYS A 234 -12.48 -7.50 23.66
CA LYS A 234 -12.03 -7.64 25.04
C LYS A 234 -10.71 -6.90 25.23
N ASP A 235 -10.55 -6.28 26.39
CA ASP A 235 -9.38 -5.45 26.66
C ASP A 235 -8.28 -6.30 27.30
N THR A 236 -7.27 -5.65 27.91
CA THR A 236 -6.16 -6.37 28.50
C THR A 236 -6.60 -7.25 29.66
N GLU A 237 -7.68 -6.86 30.35
CA GLU A 237 -8.24 -7.70 31.39
C GLU A 237 -9.19 -8.75 30.80
N GLY A 238 -10.01 -8.34 29.83
CA GLY A 238 -11.02 -9.23 29.29
C GLY A 238 -12.38 -8.62 29.43
N TYR A 239 -12.41 -7.30 29.62
CA TYR A 239 -13.64 -6.54 29.71
C TYR A 239 -14.05 -6.05 28.33
N TYR A 240 -15.34 -6.12 28.05
CA TYR A 240 -15.84 -5.74 26.73
C TYR A 240 -15.73 -4.23 26.53
N THR A 241 -15.23 -3.84 25.36
CA THR A 241 -14.88 -2.46 25.06
C THR A 241 -15.33 -2.14 23.63
N ILE A 242 -15.41 -0.85 23.33
CA ILE A 242 -15.83 -0.39 22.01
C ILE A 242 -15.23 0.99 21.76
N GLY A 243 -15.03 1.31 20.48
CA GLY A 243 -14.58 2.65 20.12
C GLY A 243 -13.17 2.93 20.63
N ILE A 244 -13.00 4.10 21.25
CA ILE A 244 -11.72 4.48 21.83
C ILE A 244 -11.73 4.18 23.32
N GLY A 245 -11.43 2.94 23.69
CA GLY A 245 -11.29 2.57 25.09
C GLY A 245 -12.53 2.78 25.93
N HIS A 246 -13.72 2.69 25.35
CA HIS A 246 -14.97 2.87 26.08
C HIS A 246 -15.40 1.53 26.66
N LEU A 247 -15.24 1.37 27.97
CA LEU A 247 -15.67 0.16 28.65
C LEU A 247 -17.20 0.06 28.62
N LEU A 248 -17.71 -1.12 28.29
CA LEU A 248 -19.14 -1.37 28.25
C LEU A 248 -19.64 -2.06 29.51
N THR A 249 -19.03 -3.19 29.88
CA THR A 249 -19.43 -3.91 31.08
C THR A 249 -18.27 -4.78 31.55
N LYS A 250 -18.24 -5.03 32.85
CA LYS A 250 -17.36 -6.03 33.44
C LYS A 250 -17.97 -7.42 33.39
N SER A 251 -19.24 -7.53 33.06
CA SER A 251 -19.92 -8.83 33.02
C SER A 251 -19.29 -9.71 31.94
N PRO A 252 -19.27 -11.03 32.16
CA PRO A 252 -18.66 -11.93 31.17
C PRO A 252 -19.63 -12.30 30.06
N SER A 253 -20.55 -11.40 29.73
CA SER A 253 -21.55 -11.64 28.70
C SER A 253 -21.41 -10.59 27.61
N LEU A 254 -21.18 -11.04 26.38
CA LEU A 254 -21.16 -10.12 25.25
C LEU A 254 -22.55 -9.54 25.00
N ASN A 255 -23.60 -10.30 25.30
CA ASN A 255 -24.96 -9.78 25.20
C ASN A 255 -25.19 -8.65 26.20
N ALA A 256 -24.62 -8.78 27.39
CA ALA A 256 -24.70 -7.69 28.37
C ALA A 256 -23.96 -6.46 27.86
N ALA A 257 -22.83 -6.66 27.17
CA ALA A 257 -22.11 -5.53 26.60
C ALA A 257 -22.90 -4.90 25.46
N LYS A 258 -23.52 -5.71 24.61
CA LYS A 258 -24.32 -5.17 23.52
C LYS A 258 -25.50 -4.38 24.05
N SER A 259 -26.09 -4.83 25.16
CA SER A 259 -27.19 -4.07 25.77
C SER A 259 -26.72 -2.70 26.23
N GLU A 260 -25.51 -2.61 26.79
CA GLU A 260 -24.97 -1.31 27.18
C GLU A 260 -24.62 -0.47 25.95
N LEU A 261 -24.10 -1.11 24.90
CA LEU A 261 -23.76 -0.37 23.69
C LEU A 261 -25.01 0.22 23.03
N ASP A 262 -26.08 -0.58 22.94
CA ASP A 262 -27.31 -0.10 22.32
C ASP A 262 -27.92 1.06 23.10
N LYS A 263 -27.80 1.02 24.43
CA LYS A 263 -28.35 2.10 25.25
C LYS A 263 -27.59 3.40 25.03
N ALA A 264 -26.26 3.32 24.88
CA ALA A 264 -25.47 4.53 24.69
C ALA A 264 -25.60 5.07 23.27
N ILE A 265 -25.79 4.20 22.29
CA ILE A 265 -25.84 4.61 20.89
C ILE A 265 -27.24 5.08 20.51
N GLY A 266 -28.28 4.34 20.90
CA GLY A 266 -29.63 4.64 20.51
C GLY A 266 -30.22 3.74 19.46
N ARG A 267 -29.57 2.63 19.13
CA ARG A 267 -30.06 1.69 18.13
C ARG A 267 -29.52 0.32 18.45
N ASN A 268 -30.16 -0.71 17.89
CA ASN A 268 -29.64 -2.06 17.98
C ASN A 268 -28.39 -2.17 17.13
N THR A 269 -27.27 -2.54 17.75
CA THR A 269 -25.98 -2.55 17.09
C THR A 269 -25.45 -3.94 16.79
N ASN A 270 -25.82 -4.96 17.57
CA ASN A 270 -25.23 -6.29 17.47
C ASN A 270 -23.71 -6.23 17.63
N GLY A 271 -23.23 -5.21 18.34
CA GLY A 271 -21.82 -5.10 18.64
C GLY A 271 -20.99 -4.35 17.62
N VAL A 272 -21.60 -3.68 16.64
CA VAL A 272 -20.88 -2.92 15.63
C VAL A 272 -21.48 -1.52 15.56
N ILE A 273 -20.61 -0.52 15.37
CA ILE A 273 -21.01 0.88 15.32
C ILE A 273 -20.25 1.57 14.19
N THR A 274 -20.68 2.77 13.86
CA THR A 274 -20.03 3.57 12.84
C THR A 274 -18.96 4.46 13.47
N LYS A 275 -18.13 5.06 12.62
CA LYS A 275 -17.07 5.94 13.12
C LYS A 275 -17.66 7.17 13.79
N ASP A 276 -18.75 7.72 13.24
CA ASP A 276 -19.38 8.88 13.85
C ASP A 276 -20.01 8.54 15.19
N GLU A 277 -20.56 7.32 15.32
CA GLU A 277 -21.11 6.89 16.60
C GLU A 277 -20.00 6.70 17.64
N ALA A 278 -18.86 6.16 17.23
CA ALA A 278 -17.72 6.06 18.13
C ALA A 278 -17.19 7.43 18.51
N GLU A 279 -17.20 8.38 17.56
CA GLU A 279 -16.75 9.72 17.86
C GLU A 279 -17.69 10.42 18.83
N LYS A 280 -19.00 10.21 18.66
CA LYS A 280 -19.96 10.78 19.61
C LYS A 280 -19.81 10.15 20.99
N LEU A 281 -19.65 8.83 21.04
CA LEU A 281 -19.39 8.16 22.31
C LEU A 281 -18.12 8.69 22.95
N PHE A 282 -17.09 8.94 22.14
CA PHE A 282 -15.85 9.48 22.68
C PHE A 282 -16.00 10.93 23.11
N ASN A 283 -16.85 11.70 22.42
CA ASN A 283 -17.08 13.08 22.82
C ASN A 283 -17.73 13.15 24.20
N GLN A 284 -18.59 12.19 24.52
CA GLN A 284 -19.20 12.14 25.85
C GLN A 284 -18.18 11.74 26.90
N ASP A 285 -17.26 10.84 26.56
CA ASP A 285 -16.20 10.47 27.49
C ASP A 285 -15.28 11.64 27.78
N VAL A 286 -15.03 12.49 26.78
CA VAL A 286 -14.22 13.68 26.99
C VAL A 286 -14.94 14.66 27.92
N ASP A 287 -16.25 14.85 27.73
CA ASP A 287 -17.00 15.74 28.58
C ASP A 287 -16.99 15.27 30.03
N ALA A 288 -17.11 13.95 30.24
CA ALA A 288 -17.04 13.42 31.59
C ALA A 288 -15.66 13.65 32.21
N ALA A 289 -14.60 13.40 31.43
CA ALA A 289 -13.26 13.63 31.94
C ALA A 289 -12.99 15.11 32.21
N VAL A 290 -13.58 15.99 31.39
CA VAL A 290 -13.40 17.42 31.61
C VAL A 290 -14.15 17.87 32.86
N ARG A 291 -15.34 17.29 33.10
CA ARG A 291 -16.08 17.61 34.31
C ARG A 291 -15.32 17.15 35.56
N GLY A 292 -14.67 15.98 35.48
CA GLY A 292 -13.88 15.52 36.60
C GLY A 292 -12.64 16.35 36.85
N ILE A 293 -12.03 16.87 35.79
CA ILE A 293 -10.85 17.72 35.96
C ILE A 293 -11.25 19.04 36.64
N LEU A 294 -12.38 19.61 36.24
CA LEU A 294 -12.79 20.89 36.81
C LEU A 294 -13.22 20.75 38.27
N ARG A 295 -13.71 19.57 38.66
CA ARG A 295 -14.06 19.33 40.05
C ARG A 295 -12.85 19.15 40.95
N ASN A 296 -11.71 18.76 40.38
CA ASN A 296 -10.49 18.56 41.15
C ASN A 296 -9.80 19.89 41.39
N ALA A 297 -9.55 20.20 42.67
CA ALA A 297 -8.94 21.49 43.03
C ALA A 297 -7.50 21.62 42.55
N LYS A 298 -6.82 20.50 42.31
CA LYS A 298 -5.44 20.54 41.84
C LYS A 298 -5.33 20.61 40.32
N LEU A 299 -6.29 20.03 39.60
CA LEU A 299 -6.23 19.97 38.15
C LEU A 299 -6.89 21.16 37.47
N LYS A 300 -7.95 21.71 38.07
CA LYS A 300 -8.68 22.81 37.45
C LYS A 300 -7.82 24.02 37.14
N PRO A 301 -6.98 24.54 38.06
CA PRO A 301 -6.19 25.73 37.71
C PRO A 301 -5.26 25.50 36.54
N VAL A 302 -4.70 24.30 36.41
CA VAL A 302 -3.80 24.02 35.29
C VAL A 302 -4.59 23.93 33.99
N TYR A 303 -5.71 23.20 34.00
CA TYR A 303 -6.53 23.05 32.80
C TYR A 303 -7.03 24.41 32.31
N ASP A 304 -7.46 25.27 33.23
CA ASP A 304 -7.93 26.59 32.84
C ASP A 304 -6.85 27.41 32.17
N SER A 305 -5.58 27.21 32.56
CA SER A 305 -4.48 27.97 31.98
C SER A 305 -4.03 27.42 30.63
N LEU A 306 -4.35 26.18 30.32
CA LEU A 306 -3.83 25.54 29.11
C LEU A 306 -4.67 25.90 27.90
N ASP A 307 -4.02 25.86 26.72
CA ASP A 307 -4.69 26.05 25.46
C ASP A 307 -5.39 24.76 25.04
N ALA A 308 -6.13 24.82 23.92
CA ALA A 308 -6.98 23.70 23.53
C ALA A 308 -6.17 22.44 23.28
N VAL A 309 -5.01 22.56 22.65
CA VAL A 309 -4.22 21.38 22.33
C VAL A 309 -3.54 20.83 23.57
N ARG A 310 -3.03 21.72 24.44
CA ARG A 310 -2.41 21.25 25.67
C ARG A 310 -3.45 20.70 26.65
N ARG A 311 -4.69 21.17 26.56
CA ARG A 311 -5.77 20.55 27.33
C ARG A 311 -6.05 19.13 26.84
N ALA A 312 -5.86 18.87 25.54
CA ALA A 312 -6.08 17.54 25.03
C ALA A 312 -5.02 16.56 25.55
N ALA A 313 -3.79 17.05 25.72
CA ALA A 313 -2.75 16.21 26.32
C ALA A 313 -3.05 15.91 27.79
N LEU A 314 -3.66 16.86 28.50
CA LEU A 314 -4.05 16.61 29.88
C LEU A 314 -5.21 15.63 29.95
N ILE A 315 -6.17 15.75 29.03
CA ILE A 315 -7.26 14.77 28.97
C ILE A 315 -6.71 13.40 28.58
N ASN A 316 -5.68 13.37 27.72
CA ASN A 316 -5.05 12.11 27.35
C ASN A 316 -4.52 11.39 28.59
N MET A 317 -3.83 12.11 29.47
CA MET A 317 -3.29 11.49 30.67
C MET A 317 -4.41 11.02 31.60
N VAL A 318 -5.48 11.81 31.72
CA VAL A 318 -6.60 11.42 32.57
C VAL A 318 -7.24 10.14 32.06
N PHE A 319 -7.33 9.98 30.73
CA PHE A 319 -7.90 8.76 30.16
C PHE A 319 -7.02 7.54 30.41
N GLN A 320 -5.72 7.74 30.62
CA GLN A 320 -4.79 6.63 30.83
C GLN A 320 -4.56 6.32 32.31
N MET A 321 -4.47 7.33 33.17
CA MET A 321 -4.14 7.12 34.57
C MET A 321 -5.22 7.59 35.55
N GLY A 322 -6.22 8.32 35.09
CA GLY A 322 -7.25 8.82 35.97
C GLY A 322 -6.91 10.18 36.55
N GLU A 323 -7.96 10.86 37.04
CA GLU A 323 -7.78 12.20 37.59
C GLU A 323 -6.85 12.20 38.80
N THR A 324 -6.95 11.17 39.64
CA THR A 324 -6.09 11.09 40.81
C THR A 324 -4.63 10.88 40.41
N GLY A 325 -4.40 10.05 39.39
CA GLY A 325 -3.03 9.81 38.96
C GLY A 325 -2.37 11.05 38.40
N VAL A 326 -3.11 11.83 37.59
CA VAL A 326 -2.57 13.06 37.04
C VAL A 326 -2.31 14.08 38.15
N ALA A 327 -3.20 14.10 39.16
CA ALA A 327 -3.05 15.06 40.26
C ALA A 327 -1.76 14.86 41.04
N GLY A 328 -1.19 13.66 41.00
CA GLY A 328 0.08 13.37 41.64
C GLY A 328 1.29 14.00 40.99
N PHE A 329 1.12 14.68 39.85
CA PHE A 329 2.24 15.33 39.16
C PHE A 329 2.34 16.80 39.57
N THR A 330 2.46 17.01 40.89
CA THR A 330 2.37 18.37 41.45
C THR A 330 3.43 19.29 40.85
N ASN A 331 4.65 18.80 40.67
CA ASN A 331 5.71 19.65 40.13
C ASN A 331 5.49 19.92 38.65
N SER A 332 5.20 18.88 37.87
CA SER A 332 5.00 19.07 36.43
C SER A 332 3.75 19.91 36.16
N LEU A 333 2.72 19.76 37.00
CA LEU A 333 1.49 20.52 36.80
C LEU A 333 1.71 22.01 37.00
N ARG A 334 2.48 22.37 38.03
CA ARG A 334 2.70 23.79 38.32
C ARG A 334 3.58 24.45 37.25
N MET A 335 4.54 23.71 36.70
CA MET A 335 5.35 24.26 35.61
C MET A 335 4.53 24.39 34.33
N LEU A 336 3.56 23.50 34.14
CA LEU A 336 2.63 23.66 33.02
C LEU A 336 1.78 24.91 33.18
N GLN A 337 1.28 25.15 34.39
CA GLN A 337 0.49 26.36 34.63
C GLN A 337 1.35 27.61 34.58
N GLN A 338 2.63 27.50 34.87
CA GLN A 338 3.57 28.60 34.71
C GLN A 338 4.09 28.72 33.28
N LYS A 339 3.49 27.98 32.35
CA LYS A 339 3.88 27.97 30.93
C LYS A 339 5.35 27.61 30.74
N ARG A 340 5.94 26.90 31.70
CA ARG A 340 7.32 26.43 31.58
C ARG A 340 7.32 25.06 30.92
N TRP A 341 7.10 25.08 29.60
CA TRP A 341 6.84 23.86 28.85
C TRP A 341 8.05 22.92 28.88
N ASP A 342 9.23 23.45 28.56
CA ASP A 342 10.41 22.59 28.44
C ASP A 342 10.80 21.98 29.79
N GLU A 343 10.63 22.74 30.88
CA GLU A 343 10.91 22.20 32.20
C GLU A 343 9.93 21.08 32.56
N ALA A 344 8.66 21.27 32.23
CA ALA A 344 7.66 20.24 32.52
C ALA A 344 7.93 18.98 31.72
N ALA A 345 8.45 19.13 30.49
CA ALA A 345 8.77 17.97 29.67
C ALA A 345 9.85 17.13 30.32
N VAL A 346 10.90 17.77 30.85
CA VAL A 346 11.98 17.03 31.49
C VAL A 346 11.47 16.30 32.72
N ASN A 347 10.59 16.93 33.49
CA ASN A 347 10.07 16.30 34.70
C ASN A 347 9.15 15.13 34.36
N LEU A 348 8.25 15.32 33.39
CA LEU A 348 7.34 14.25 33.02
C LEU A 348 8.07 13.05 32.43
N ALA A 349 9.21 13.29 31.77
CA ALA A 349 9.99 12.19 31.22
C ALA A 349 10.67 11.36 32.30
N LYS A 350 10.89 11.95 33.49
CA LYS A 350 11.51 11.25 34.61
C LYS A 350 10.49 10.51 35.47
N SER A 351 9.27 10.30 34.96
CA SER A 351 8.20 9.71 35.73
C SER A 351 8.00 8.23 35.39
N ARG A 352 7.25 7.53 36.24
CA ARG A 352 6.95 6.13 35.99
C ARG A 352 6.04 5.95 34.78
N TRP A 353 5.16 6.93 34.54
CA TRP A 353 4.27 6.86 33.37
C TRP A 353 5.07 6.84 32.08
N TYR A 354 6.17 7.60 32.03
CA TYR A 354 7.04 7.56 30.86
C TYR A 354 7.71 6.20 30.73
N ASN A 355 8.28 5.68 31.81
CA ASN A 355 9.02 4.43 31.74
C ASN A 355 8.12 3.26 31.35
N GLN A 356 6.84 3.31 31.72
CA GLN A 356 5.94 2.20 31.42
C GLN A 356 5.45 2.25 29.98
N THR A 357 5.05 3.43 29.50
CA THR A 357 4.57 3.61 28.13
C THR A 357 5.29 4.81 27.53
N PRO A 358 6.53 4.62 27.07
CA PRO A 358 7.31 5.78 26.61
C PRO A 358 6.81 6.37 25.31
N ASN A 359 6.27 5.56 24.40
CA ASN A 359 5.85 6.07 23.10
C ASN A 359 4.66 7.01 23.25
N ARG A 360 3.63 6.58 23.98
CA ARG A 360 2.48 7.44 24.21
C ARG A 360 2.88 8.65 25.05
N ALA A 361 3.74 8.45 26.05
CA ALA A 361 4.16 9.56 26.89
C ALA A 361 4.99 10.58 26.12
N LYS A 362 5.89 10.11 25.25
CA LYS A 362 6.68 11.04 24.44
C LYS A 362 5.79 11.88 23.53
N ARG A 363 4.71 11.27 23.01
CA ARG A 363 3.80 12.02 22.16
C ARG A 363 2.99 13.03 22.97
N VAL A 364 2.57 12.64 24.18
CA VAL A 364 1.82 13.56 25.04
C VAL A 364 2.72 14.67 25.52
N ILE A 365 3.96 14.35 25.89
CA ILE A 365 4.88 15.36 26.39
C ILE A 365 5.26 16.34 25.28
N THR A 366 5.41 15.85 24.05
CA THR A 366 5.67 16.73 22.91
C THR A 366 4.50 17.69 22.70
N THR A 367 3.27 17.22 22.91
CA THR A 367 2.11 18.10 22.82
C THR A 367 2.18 19.22 23.84
N PHE A 368 2.59 18.90 25.08
CA PHE A 368 2.72 19.93 26.11
C PHE A 368 3.77 20.96 25.73
N ARG A 369 4.89 20.50 25.14
CA ARG A 369 5.98 21.42 24.81
C ARG A 369 5.57 22.37 23.69
N THR A 370 4.99 21.83 22.61
CA THR A 370 4.73 22.61 21.41
C THR A 370 3.34 23.21 21.37
N GLY A 371 2.35 22.56 21.97
CA GLY A 371 0.98 22.98 21.79
C GLY A 371 0.41 22.65 20.43
N THR A 372 1.05 21.72 19.71
CA THR A 372 0.63 21.30 18.38
C THR A 372 0.39 19.79 18.39
N TRP A 373 -0.21 19.30 17.29
CA TRP A 373 -0.42 17.89 17.08
C TRP A 373 0.73 17.23 16.33
N ASP A 374 1.93 17.81 16.39
CA ASP A 374 3.02 17.37 15.52
C ASP A 374 3.42 15.93 15.80
N ALA A 375 3.32 15.47 17.04
CA ALA A 375 3.77 14.11 17.35
C ALA A 375 2.83 13.06 16.77
N TYR A 376 1.57 13.43 16.57
CA TYR A 376 0.59 12.51 16.01
C TYR A 376 0.50 12.61 14.49
N ARG A 377 0.77 13.79 13.94
CA ARG A 377 0.92 13.94 12.49
C ARG A 377 2.11 13.12 12.01
N SER A 378 3.22 13.20 12.74
CA SER A 378 4.42 12.44 12.38
C SER A 378 4.15 10.94 12.39
N THR A 379 3.35 10.47 13.35
CA THR A 379 2.97 9.06 13.35
C THR A 379 2.23 8.70 12.07
N LEU A 380 1.43 9.64 11.53
CA LEU A 380 0.69 9.36 10.30
C LEU A 380 1.61 9.37 9.09
N GLN A 381 2.54 10.32 9.02
CA GLN A 381 3.46 10.40 7.89
C GLN A 381 4.40 9.20 7.83
N LYS A 382 4.81 8.66 8.99
CA LYS A 382 5.69 7.51 9.00
C LYS A 382 5.03 6.29 8.39
N GLU A 383 3.70 6.23 8.43
CA GLU A 383 2.96 5.09 7.89
C GLU A 383 2.68 5.19 6.40
N VAL A 384 2.92 6.35 5.78
CA VAL A 384 2.55 6.57 4.39
C VAL A 384 3.72 6.95 3.50
N HIS A 385 4.91 7.20 4.05
CA HIS A 385 6.04 7.57 3.20
C HIS A 385 6.39 6.45 2.23
N ALA A 386 6.30 5.20 2.68
CA ALA A 386 6.52 4.07 1.78
C ALA A 386 5.45 4.01 0.70
N ALA A 387 4.23 4.47 1.02
CA ALA A 387 3.15 4.41 0.04
C ALA A 387 3.39 5.34 -1.14
N LYS A 388 4.05 6.48 -0.92
CA LYS A 388 4.31 7.40 -2.02
C LYS A 388 5.29 6.82 -3.02
N SER A 389 6.29 6.08 -2.54
CA SER A 389 7.24 5.45 -3.45
C SER A 389 6.57 4.33 -4.23
N LEU A 390 5.74 3.52 -3.58
CA LEU A 390 5.03 2.45 -4.27
C LEU A 390 3.99 3.00 -5.24
N ALA A 391 3.38 4.15 -4.91
CA ALA A 391 2.44 4.77 -5.83
C ALA A 391 3.12 5.28 -7.08
N ILE A 392 4.39 5.69 -6.98
CA ILE A 392 5.14 6.11 -8.16
C ILE A 392 5.30 4.94 -9.12
N ILE A 393 5.48 3.73 -8.58
CA ILE A 393 5.68 2.55 -9.41
C ILE A 393 4.42 2.26 -10.24
N VAL A 394 3.24 2.44 -9.64
CA VAL A 394 2.01 2.24 -10.39
C VAL A 394 1.87 3.28 -11.49
N GLY A 395 2.26 4.52 -11.20
CA GLY A 395 2.20 5.57 -12.22
C GLY A 395 3.14 5.29 -13.38
N LEU A 396 4.34 4.78 -13.09
CA LEU A 396 5.26 4.42 -14.17
C LEU A 396 4.75 3.22 -14.94
N PHE A 397 4.10 2.27 -14.26
CA PHE A 397 3.45 1.17 -14.96
C PHE A 397 2.36 1.68 -15.89
N ALA A 398 1.55 2.62 -15.41
CA ALA A 398 0.50 3.20 -16.25
C ALA A 398 1.11 3.96 -17.42
N LEU A 399 2.11 4.80 -17.15
CA LEU A 399 2.71 5.60 -18.21
C LEU A 399 3.38 4.74 -19.28
N CYS A 400 3.88 3.57 -18.90
CA CYS A 400 4.62 2.72 -19.83
C CYS A 400 3.72 1.82 -20.67
N TRP A 401 2.54 1.47 -20.16
CA TRP A 401 1.65 0.54 -20.87
C TRP A 401 0.45 1.21 -21.52
N LEU A 402 0.00 2.36 -21.01
CA LEU A 402 -1.16 3.02 -21.59
C LEU A 402 -0.99 3.41 -23.06
N PRO A 403 0.18 3.86 -23.54
CA PRO A 403 0.30 4.15 -24.98
C PRO A 403 -0.10 2.99 -25.88
N LEU A 404 0.28 1.76 -25.54
CA LEU A 404 -0.12 0.61 -26.35
C LEU A 404 -1.63 0.39 -26.28
N HIS A 405 -2.21 0.52 -25.09
CA HIS A 405 -3.65 0.31 -24.93
C HIS A 405 -4.45 1.32 -25.73
N ILE A 406 -4.02 2.58 -25.74
CA ILE A 406 -4.74 3.61 -26.47
C ILE A 406 -4.61 3.39 -27.96
N ILE A 407 -3.42 2.99 -28.43
CA ILE A 407 -3.25 2.63 -29.83
C ILE A 407 -4.18 1.49 -30.20
N ASN A 408 -4.29 0.48 -29.32
CA ASN A 408 -5.19 -0.64 -29.58
C ASN A 408 -6.64 -0.17 -29.64
N CYS A 409 -7.00 0.84 -28.84
CA CYS A 409 -8.37 1.36 -28.88
C CYS A 409 -8.64 2.09 -30.19
N PHE A 410 -7.64 2.81 -30.72
CA PHE A 410 -7.81 3.49 -32.01
C PHE A 410 -7.98 2.47 -33.13
N THR A 411 -7.13 1.45 -33.18
CA THR A 411 -7.25 0.41 -34.20
C THR A 411 -8.58 -0.31 -34.09
N PHE A 412 -9.11 -0.47 -32.88
CA PHE A 412 -10.34 -1.22 -32.66
C PHE A 412 -11.57 -0.38 -33.00
N PHE A 413 -11.64 0.84 -32.47
CA PHE A 413 -12.83 1.67 -32.61
C PHE A 413 -12.85 2.49 -33.89
N CYS A 414 -11.69 2.74 -34.50
CA CYS A 414 -11.60 3.44 -35.78
C CYS A 414 -10.89 2.52 -36.77
N PRO A 415 -11.61 1.53 -37.32
CA PRO A 415 -10.95 0.58 -38.22
C PRO A 415 -10.40 1.22 -39.49
N ASP A 416 -11.12 2.20 -40.04
CA ASP A 416 -10.67 2.88 -41.25
C ASP A 416 -9.68 4.00 -40.97
N CYS A 417 -9.40 4.29 -39.69
CA CYS A 417 -8.35 5.24 -39.37
C CYS A 417 -7.00 4.69 -39.81
N SER A 418 -6.09 5.59 -40.18
CA SER A 418 -4.73 5.17 -40.51
C SER A 418 -4.08 4.57 -39.27
N HIS A 419 -3.51 3.37 -39.43
CA HIS A 419 -2.84 2.71 -38.32
C HIS A 419 -1.67 3.56 -37.84
N ALA A 420 -1.34 3.40 -36.56
CA ALA A 420 -0.23 4.15 -35.99
C ALA A 420 1.05 3.85 -36.77
N PRO A 421 1.87 4.88 -37.03
CA PRO A 421 3.09 4.65 -37.83
C PRO A 421 4.04 3.70 -37.12
N LEU A 422 4.96 3.15 -37.91
CA LEU A 422 5.87 2.12 -37.41
C LEU A 422 6.73 2.64 -36.26
N TRP A 423 7.16 3.90 -36.34
CA TRP A 423 8.05 4.43 -35.32
C TRP A 423 7.34 4.56 -33.97
N LEU A 424 6.06 4.90 -33.98
CA LEU A 424 5.30 4.97 -32.73
C LEU A 424 5.06 3.58 -32.17
N MET A 425 4.80 2.61 -33.03
CA MET A 425 4.66 1.22 -32.59
C MET A 425 5.94 0.72 -31.94
N TYR A 426 7.08 1.01 -32.55
CA TYR A 426 8.37 0.64 -31.96
C TYR A 426 8.56 1.30 -30.60
N LEU A 427 8.27 2.61 -30.53
CA LEU A 427 8.46 3.34 -29.28
C LEU A 427 7.53 2.84 -28.19
N ALA A 428 6.27 2.55 -28.55
CA ALA A 428 5.31 2.07 -27.55
C ALA A 428 5.68 0.68 -27.04
N ILE A 429 6.17 -0.18 -27.93
CA ILE A 429 6.57 -1.53 -27.52
C ILE A 429 7.81 -1.46 -26.65
N VAL A 430 8.80 -0.66 -27.05
CA VAL A 430 10.03 -0.54 -26.28
C VAL A 430 9.76 0.12 -24.93
N LEU A 431 8.90 1.16 -24.92
CA LEU A 431 8.54 1.80 -23.66
C LEU A 431 7.90 0.81 -22.69
N SER A 432 7.08 -0.10 -23.21
CA SER A 432 6.45 -1.11 -22.37
C SER A 432 7.50 -2.04 -21.76
N HIS A 433 8.54 -2.37 -22.52
CA HIS A 433 9.61 -3.21 -22.00
C HIS A 433 10.46 -2.45 -20.98
N THR A 434 10.59 -1.13 -21.15
CA THR A 434 11.38 -0.34 -20.22
C THR A 434 10.82 -0.40 -18.81
N ASN A 435 9.50 -0.61 -18.67
CA ASN A 435 8.89 -0.68 -17.35
C ASN A 435 9.49 -1.77 -16.48
N SER A 436 10.07 -2.81 -17.10
CA SER A 436 10.70 -3.88 -16.36
C SER A 436 12.07 -3.50 -15.80
N VAL A 437 12.52 -2.27 -16.05
CA VAL A 437 13.81 -1.81 -15.54
C VAL A 437 13.66 -0.78 -14.41
N VAL A 438 12.53 -0.08 -14.33
CA VAL A 438 12.48 1.14 -13.52
C VAL A 438 12.34 0.84 -12.02
N ASN A 439 11.64 -0.23 -11.66
CA ASN A 439 11.33 -0.47 -10.25
C ASN A 439 12.56 -0.57 -9.35
N PRO A 440 13.61 -1.34 -9.70
CA PRO A 440 14.80 -1.36 -8.83
C PRO A 440 15.45 0.00 -8.66
N PHE A 441 15.37 0.88 -9.67
CA PHE A 441 15.88 2.23 -9.51
C PHE A 441 15.04 3.04 -8.54
N ILE A 442 13.73 2.76 -8.47
CA ILE A 442 12.86 3.48 -7.55
C ILE A 442 13.13 3.08 -6.11
N TYR A 443 13.26 1.76 -5.86
CA TYR A 443 13.59 1.29 -4.52
C TYR A 443 14.93 1.88 -4.07
N ALA A 444 15.91 1.92 -4.98
CA ALA A 444 17.23 2.42 -4.61
C ALA A 444 17.19 3.89 -4.24
N TYR A 445 16.37 4.68 -4.93
CA TYR A 445 16.35 6.12 -4.69
C TYR A 445 15.44 6.54 -3.55
N ARG A 446 14.41 5.75 -3.22
CA ARG A 446 13.39 6.18 -2.29
C ARG A 446 13.31 5.34 -1.01
N ILE A 447 13.73 4.09 -1.03
CA ILE A 447 13.66 3.20 0.13
C ILE A 447 15.08 2.96 0.62
N ARG A 448 15.37 3.38 1.85
CA ARG A 448 16.74 3.32 2.36
C ARG A 448 17.18 1.89 2.64
N GLU A 449 16.28 1.06 3.18
CA GLU A 449 16.64 -0.32 3.47
C GLU A 449 17.00 -1.08 2.20
N PHE A 450 16.34 -0.76 1.08
CA PHE A 450 16.71 -1.36 -0.20
C PHE A 450 18.05 -0.81 -0.69
N ARG A 451 18.20 0.51 -0.68
CA ARG A 451 19.43 1.14 -1.16
C ARG A 451 20.64 0.65 -0.38
N GLN A 452 20.51 0.50 0.93
CA GLN A 452 21.64 0.05 1.75
C GLN A 452 21.97 -1.40 1.46
N THR A 453 20.96 -2.26 1.30
CA THR A 453 21.23 -3.65 0.95
C THR A 453 21.84 -3.77 -0.44
N PHE A 454 21.39 -2.92 -1.37
CA PHE A 454 21.99 -2.90 -2.71
C PHE A 454 23.47 -2.61 -2.64
N ARG A 455 23.85 -1.56 -1.88
CA ARG A 455 25.25 -1.17 -1.79
C ARG A 455 26.11 -2.28 -1.19
N LYS A 456 25.60 -2.97 -0.16
CA LYS A 456 26.35 -4.07 0.44
C LYS A 456 26.55 -5.19 -0.57
N ILE A 457 25.51 -5.54 -1.32
CA ILE A 457 25.62 -6.62 -2.30
C ILE A 457 26.63 -6.26 -3.38
N ILE A 458 26.54 -5.04 -3.90
CA ILE A 458 27.41 -4.64 -4.99
C ILE A 458 28.85 -4.52 -4.51
N ARG A 459 29.06 -3.89 -3.35
CA ARG A 459 30.42 -3.69 -2.86
C ARG A 459 31.06 -4.99 -2.37
N SER A 460 30.27 -5.92 -1.84
CA SER A 460 30.82 -7.15 -1.29
C SER A 460 30.72 -8.31 -2.27
N HIS A 461 29.51 -8.65 -2.73
CA HIS A 461 29.33 -9.86 -3.50
C HIS A 461 29.69 -9.68 -4.98
N VAL A 462 29.56 -8.47 -5.51
CA VAL A 462 29.86 -8.23 -6.92
C VAL A 462 31.28 -7.70 -7.06
N LEU A 463 31.57 -6.56 -6.43
CA LEU A 463 32.88 -5.94 -6.55
C LEU A 463 33.94 -6.61 -5.68
N ARG A 464 33.54 -7.49 -4.77
CA ARG A 464 34.45 -8.24 -3.88
C ARG A 464 35.23 -7.33 -2.94
N GLN A 465 35.09 -6.02 -3.11
CA GLN A 465 35.76 -5.03 -2.27
C GLN A 465 35.34 -3.62 -2.70
C10 VBF B . 0.31 -5.12 -27.60
C13 VBF B . 2.91 -6.06 -30.02
C15 VBF B . 4.26 -6.70 -31.88
C17 VBF B . 6.54 -7.41 -31.65
C20 VBF B . 9.00 -4.55 -32.23
C21 VBF B . 8.43 -4.00 -33.37
C22 VBF B . 7.28 -4.56 -33.90
C24 VBF B . 6.46 -2.47 -34.98
C28 VBF B . 5.19 -6.76 -29.76
C01 VBF B . 1.32 -7.11 -25.40
C02 VBF B . 0.45 -5.87 -25.21
C03 VBF B . 0.07 -5.61 -23.90
C04 VBF B . 0.54 -6.55 -22.79
C06 VBF B . -0.72 -4.52 -23.58
C07 VBF B . -1.15 -3.67 -24.59
C08 VBF B . -0.78 -3.92 -25.89
C09 VBF B . 0.02 -5.01 -26.23
C11 VBF B . 1.54 -5.55 -28.11
C12 VBF B . 1.71 -5.62 -29.49
C14 VBF B . 3.04 -6.25 -31.38
C18 VBF B . 7.23 -6.19 -32.25
C19 VBF B . 8.37 -5.67 -31.66
C23 VBF B . 6.63 -3.98 -35.15
C25 VBF B . 7.49 -4.27 -36.37
C30 VBF B . 4.00 -6.32 -29.19
C32 VBF B . -0.44 -4.84 -29.77
N05 VBF B . 0.90 -7.26 -21.97
N16 VBF B . 5.28 -6.95 -31.07
N27 VBF B . 6.73 -5.62 -33.34
N31 VBF B . 0.71 -5.26 -30.29
N33 VBF B . -1.52 -4.47 -30.67
N34 VBF B . -0.63 -4.78 -28.47
O26 VBF B . 5.37 -4.57 -35.31
O29 VBF B . 6.13 -6.99 -29.06
C1 CLR C . -10.58 5.93 -30.63
C2 CLR C . -10.67 6.57 -32.01
C3 CLR C . -12.11 6.71 -32.46
C4 CLR C . -12.93 7.47 -31.41
C5 CLR C . -12.78 6.87 -30.04
C6 CLR C . -13.84 6.37 -29.42
C7 CLR C . -13.83 5.81 -28.04
C8 CLR C . -12.53 6.16 -27.32
C9 CLR C . -11.33 5.84 -28.22
C10 CLR C . -11.35 6.69 -29.54
C11 CLR C . -9.99 5.95 -27.46
C12 CLR C . -9.98 5.28 -26.07
C13 CLR C . -11.16 5.74 -25.20
C14 CLR C . -12.41 5.38 -26.01
C15 CLR C . -13.57 5.46 -25.02
C16 CLR C . -12.94 4.94 -23.72
C17 CLR C . -11.39 4.96 -23.88
C18 CLR C . -11.04 7.24 -24.90
C19 CLR C . -10.73 8.07 -29.33
C20 CLR C . -10.69 5.44 -22.60
C21 CLR C . -9.29 4.87 -22.44
C22 CLR C . -11.54 5.13 -21.36
C23 CLR C . -11.90 6.33 -20.48
C24 CLR C . -11.49 6.14 -19.03
C25 CLR C . -11.05 7.41 -18.31
C26 CLR C . -9.64 7.81 -18.74
C27 CLR C . -11.12 7.29 -16.79
O1 CLR C . -12.14 7.36 -33.72
C1 OLA D . -2.83 6.97 -33.46
O1 OLA D . -1.73 7.45 -33.78
O2 OLA D . -3.45 6.28 -34.30
C2 OLA D . -3.40 7.20 -32.07
C3 OLA D . -2.29 7.67 -31.15
C4 OLA D . -2.27 6.88 -29.85
C5 OLA D . -0.93 7.05 -29.13
C6 OLA D . -1.09 6.90 -27.63
C7 OLA D . -0.78 8.20 -26.91
C8 OLA D . -0.32 7.94 -25.48
C9 OLA D . 0.20 9.22 -24.87
C1 OLA E . 7.86 -14.86 -1.90
O1 OLA E . 7.63 -15.01 -0.68
O2 OLA E . 8.85 -14.18 -2.25
C2 OLA E . 6.96 -15.49 -2.94
C3 OLA E . 7.17 -14.81 -4.28
C4 OLA E . 8.20 -15.55 -5.10
C5 OLA E . 8.16 -15.12 -6.56
C6 OLA E . 6.91 -15.67 -7.24
C7 OLA E . 7.21 -17.03 -7.87
C8 OLA E . 7.85 -16.87 -9.24
C9 OLA E . 6.76 -16.62 -10.24
C10 OLA E . 6.62 -17.44 -11.45
C11 OLA E . 7.49 -17.22 -12.68
C12 OLA E . 6.87 -18.00 -13.83
C13 OLA E . 7.30 -17.43 -15.17
C1 OLA F . 13.31 -14.86 -2.97
O1 OLA F . 14.13 -13.94 -2.79
O2 OLA F . 12.34 -14.98 -2.19
C2 OLA F . 13.49 -15.84 -4.11
C3 OLA F . 13.40 -15.11 -5.44
C4 OLA F . 12.44 -15.82 -6.39
C5 OLA F . 12.16 -14.97 -7.64
C6 OLA F . 12.15 -15.83 -8.90
C7 OLA F . 13.37 -15.55 -9.76
C8 OLA F . 13.21 -16.13 -11.17
C9 OLA F . 11.99 -15.56 -11.82
C10 OLA F . 11.55 -16.06 -13.14
C11 OLA F . 12.54 -16.57 -14.15
C12 OLA F . 11.92 -16.49 -15.54
C13 OLA F . 12.59 -17.45 -16.51
C1 OLA G . 6.15 -23.95 -35.11
O1 OLA G . 6.78 -25.00 -34.88
O2 OLA G . 5.80 -23.71 -36.29
C2 OLA G . 5.81 -22.99 -34.00
C3 OLA G . 6.67 -23.29 -32.78
C4 OLA G . 8.06 -22.69 -32.92
C5 OLA G . 7.98 -21.19 -33.18
C6 OLA G . 8.19 -20.38 -31.91
C7 OLA G . 9.34 -20.94 -31.07
C8 OLA G . 10.65 -20.21 -31.35
C9 OLA G . 10.44 -18.72 -31.31
C10 OLA G . 11.42 -17.88 -30.59
C11 OLA G . 11.75 -18.24 -29.17
C12 OLA G . 13.02 -17.54 -28.72
C13 OLA G . 13.53 -18.17 -27.43
C14 OLA G . 14.30 -17.17 -26.58
C15 OLA G . 14.93 -17.88 -25.36
C16 OLA G . 15.76 -16.91 -24.54
C17 OLA G . 16.53 -17.66 -23.45
C18 OLA G . 17.40 -16.70 -22.64
C1 OLA H . -16.84 -12.31 -28.28
O1 OLA H . -15.93 -12.18 -29.13
O2 OLA H . -17.40 -13.42 -28.16
C2 OLA H . -17.27 -11.14 -27.42
C3 OLA H . -16.16 -10.79 -26.44
C4 OLA H . -16.68 -10.70 -25.01
C5 OLA H . -17.03 -9.27 -24.63
C6 OLA H . -16.63 -8.93 -23.18
C7 OLA H . -15.46 -9.78 -22.71
C8 OLA H . -14.86 -9.29 -21.40
C9 OLA H . -15.92 -9.04 -20.36
C10 OLA H . -15.53 -8.92 -18.95
C11 OLA H . -14.86 -10.09 -18.26
C12 OLA H . -14.20 -9.64 -16.95
C13 OLA H . -13.88 -10.84 -16.06
C14 OLA H . -12.39 -10.94 -15.77
C15 OLA H . -11.94 -9.83 -14.84
C16 OLA H . -10.49 -10.00 -14.40
C17 OLA H . -10.04 -8.84 -13.52
C18 OLA H . -8.60 -8.99 -13.09
C1 OLA I . -11.69 2.98 -3.72
O1 OLA I . -12.45 3.65 -2.98
O2 OLA I . -10.96 2.11 -3.20
C2 OLA I . -11.67 3.23 -5.21
C3 OLA I . -13.08 3.12 -5.75
C4 OLA I . -13.12 2.17 -6.94
C5 OLA I . -12.69 2.86 -8.22
C6 OLA I . -12.76 1.90 -9.40
C7 OLA I . -13.63 2.45 -10.53
C8 OLA I . -13.69 1.47 -11.68
C9 OLA I . -14.75 1.92 -12.67
C1 OLA J . -18.09 -8.42 -29.41
O1 OLA J . -16.90 -8.32 -29.02
O2 OLA J . -18.32 -8.72 -30.60
C2 OLA J . -19.23 -8.15 -28.45
C3 OLA J . -19.11 -6.74 -27.88
C4 OLA J . -19.25 -6.74 -26.37
C5 OLA J . -19.33 -5.33 -25.80
C6 OLA J . -19.03 -5.32 -24.31
C7 OLA J . -18.51 -3.96 -23.87
C8 OLA J . -18.00 -3.99 -22.43
C9 OLA J . -16.93 -5.04 -22.27
C10 OLA J . -16.35 -5.29 -20.94
C11 OLA J . -16.02 -4.13 -20.02
C12 OLA J . -15.49 -4.65 -18.69
C13 OLA J . -15.31 -3.53 -17.68
C1 OLA K . 22.81 0.97 -5.84
O1 OLA K . 21.83 1.30 -5.13
O2 OLA K . 23.96 1.22 -5.43
C2 OLA K . 22.60 0.29 -7.16
C3 OLA K . 21.33 0.82 -7.83
C4 OLA K . 20.38 -0.34 -8.14
C5 OLA K . 19.16 0.15 -8.93
C6 OLA K . 19.23 -0.25 -10.39
C7 OLA K . 19.87 -1.62 -10.60
C8 OLA K . 20.55 -1.70 -11.96
C9 OLA K . 21.39 -2.95 -12.01
C10 OLA K . 22.85 -2.83 -12.10
C11 OLA K . 23.69 -4.07 -11.94
C12 OLA K . 24.55 -3.91 -10.69
C13 OLA K . 25.30 -5.18 -10.32
C14 OLA K . 24.48 -6.45 -10.55
C15 OLA K . 23.36 -6.60 -9.53
C16 OLA K . 23.07 -8.06 -9.23
C17 OLA K . 23.05 -8.92 -10.49
C18 OLA K . 24.08 -10.05 -10.39
NA NA L . 6.14 -5.77 -14.75
C1 OLA M . 19.86 -20.78 -1.14
O1 OLA M . 19.55 -21.43 -0.13
O2 OLA M . 21.07 -20.55 -1.38
C2 OLA M . 18.80 -20.27 -2.10
C3 OLA M . 19.25 -18.97 -2.74
C4 OLA M . 18.07 -18.04 -2.97
C5 OLA M . 18.44 -16.89 -3.88
C6 OLA M . 17.38 -15.79 -3.82
C7 OLA M . 18.00 -14.42 -4.06
C8 OLA M . 18.21 -14.17 -5.55
C9 OLA M . 16.92 -14.44 -6.30
C10 OLA M . 16.97 -15.01 -7.65
C11 OLA M . 18.09 -14.62 -8.58
C12 OLA M . 18.28 -15.73 -9.60
C13 OLA M . 16.97 -16.06 -10.30
C14 OLA M . 16.86 -15.28 -11.61
C15 OLA M . 18.00 -15.67 -12.54
C16 OLA M . 17.61 -16.83 -13.45
C17 OLA M . 17.03 -16.31 -14.75
C18 OLA M . 17.94 -15.21 -15.33
C1 OLA N . 9.69 -19.15 -3.38
O1 OLA N . 10.32 -19.81 -2.51
O2 OLA N . 8.62 -18.60 -3.06
C2 OLA N . 10.23 -19.02 -4.79
C3 OLA N . 9.50 -19.97 -5.73
C4 OLA N . 10.13 -19.99 -7.10
C5 OLA N . 9.62 -21.14 -7.96
C6 OLA N . 8.67 -20.66 -9.05
C7 OLA N . 9.42 -20.02 -10.21
C8 OLA N . 9.74 -21.02 -11.31
C9 OLA N . 10.00 -20.29 -12.60
C10 OLA N . 10.03 -20.99 -13.88
C11 OLA N . 10.81 -22.27 -14.04
C12 OLA N . 10.70 -22.78 -15.47
C1 OLA O . 14.58 -8.81 -38.00
O1 OLA O . 13.52 -8.39 -37.47
O2 OLA O . 14.64 -8.89 -39.25
C2 OLA O . 15.76 -9.21 -37.15
C3 OLA O . 15.28 -10.09 -36.00
C4 OLA O . 16.15 -11.33 -35.89
C5 OLA O . 15.62 -12.28 -34.81
C6 OLA O . 16.76 -12.89 -34.00
C7 OLA O . 17.43 -11.82 -33.16
C8 OLA O . 17.81 -12.36 -31.77
C9 OLA O . 16.64 -13.14 -31.19
C10 OLA O . 16.61 -13.35 -29.74
C11 OLA O . 17.67 -12.71 -28.88
C12 OLA O . 18.58 -13.78 -28.30
C13 OLA O . 18.11 -14.23 -26.91
C14 OLA O . 19.29 -14.22 -25.94
C15 OLA O . 19.51 -12.83 -25.36
C16 OLA O . 18.61 -12.60 -24.15
C17 OLA O . 19.37 -12.75 -22.85
C18 OLA O . 19.12 -11.57 -21.92
C1 OLA P . 22.84 -6.99 -33.48
O1 OLA P . 23.96 -6.79 -34.03
O2 OLA P . 21.96 -7.60 -34.11
C2 OLA P . 22.57 -6.49 -32.08
C3 OLA P . 23.51 -7.18 -31.09
C4 OLA P . 24.04 -6.17 -30.07
C5 OLA P . 24.28 -6.83 -28.72
C6 OLA P . 24.11 -5.82 -27.58
C7 OLA P . 23.76 -6.52 -26.28
C8 OLA P . 23.41 -5.51 -25.19
C9 OLA P . 24.57 -4.55 -25.01
C10 OLA P . 24.93 -4.05 -23.68
C11 OLA P . 23.88 -3.97 -22.60
C12 OLA P . 24.41 -3.14 -21.43
C13 OLA P . 23.39 -3.07 -20.31
C1 OLA Q . 8.48 -27.13 -31.27
O1 OLA Q . 9.03 -27.30 -32.38
O2 OLA Q . 8.06 -28.13 -30.65
C2 OLA Q . 8.33 -25.75 -30.69
C3 OLA Q . 7.03 -25.68 -29.90
C4 OLA Q . 7.13 -24.69 -28.74
C5 OLA Q . 7.15 -23.25 -29.24
C6 OLA Q . 7.19 -22.23 -28.11
C7 OLA Q . 7.72 -22.83 -26.82
C8 OLA Q . 9.22 -22.58 -26.65
C9 OLA Q . 9.49 -21.10 -26.56
C10 OLA Q . 10.74 -20.63 -25.96
C11 OLA Q . 11.44 -21.51 -24.95
C12 OLA Q . 11.95 -20.64 -23.79
C13 OLA Q . 12.85 -21.45 -22.86
C14 OLA Q . 12.32 -21.45 -21.44
C15 OLA Q . 13.44 -21.75 -20.44
C16 OLA Q . 13.87 -20.48 -19.70
C17 OLA Q . 15.38 -20.47 -19.48
C18 OLA Q . 15.76 -19.56 -18.32
C1 OLA R . -14.75 -16.23 -28.08
O1 OLA R . -14.09 -17.02 -28.79
O2 OLA R . -15.38 -15.31 -28.63
C2 OLA R . -14.77 -16.39 -26.57
C3 OLA R . -15.58 -15.27 -25.94
C4 OLA R . -14.92 -14.80 -24.64
C5 OLA R . -14.46 -15.99 -23.79
C6 OLA R . -13.54 -15.55 -22.65
C7 OLA R . -12.86 -16.75 -22.03
C8 OLA R . -12.10 -16.36 -20.76
C9 OLA R . -11.41 -17.56 -20.18
C10 OLA R . -10.78 -17.47 -18.86
C11 OLA R . -10.08 -16.19 -18.45
C12 OLA R . -9.52 -16.31 -17.04
C13 OLA R . -10.58 -16.02 -15.98
C14 OLA R . -11.24 -17.29 -15.48
C15 OLA R . -10.21 -18.40 -15.25
C16 OLA R . -10.16 -18.83 -13.79
C17 OLA R . -8.99 -19.78 -13.55
C18 OLA R . -8.99 -20.92 -14.56
C1 OLA S . 2.60 14.55 -7.16
O1 OLA S . 3.05 14.35 -8.31
O2 OLA S . 1.57 15.26 -7.02
C2 OLA S . 3.29 13.95 -5.96
C3 OLA S . 3.80 12.57 -6.32
C4 OLA S . 2.99 11.49 -5.62
C5 OLA S . 3.27 10.13 -6.24
C6 OLA S . 1.97 9.39 -6.52
C7 OLA S . 1.89 8.93 -7.97
C8 OLA S . 0.44 8.67 -8.37
C9 OLA S . -0.19 7.80 -7.33
C10 OLA S . -0.90 6.57 -7.74
C11 OLA S . -1.80 6.60 -8.94
C12 OLA S . -1.69 5.29 -9.69
C13 OLA S . -2.70 5.21 -10.82
C14 OLA S . -2.11 5.69 -12.14
C15 OLA S . -3.21 5.97 -13.16
C16 OLA S . -4.29 4.89 -13.11
C17 OLA S . -5.06 4.82 -14.42
C18 OLA S . -5.63 6.17 -14.81
C18 OLC T . 10.36 5.75 -18.13
C10 OLC T . 13.25 4.21 -24.98
C9 OLC T . 13.33 4.18 -26.33
C17 OLC T . 10.08 6.41 -19.50
C11 OLC T . 11.80 3.94 -24.48
C8 OLC T . 14.10 4.29 -27.67
C24 OLC T . 13.34 0.01 -38.69
C16 OLC T . 11.41 6.91 -20.12
C12 OLC T . 11.10 5.30 -24.19
C7 OLC T . 13.55 3.24 -28.66
C15 OLC T . 12.30 5.69 -20.49
C13 OLC T . 11.78 5.97 -22.97
C6 OLC T . 12.87 3.97 -29.85
C14 OLC T . 11.72 5.00 -21.76
C5 OLC T . 13.36 3.34 -31.18
C4 OLC T . 12.75 1.93 -31.33
C3 OLC T . 13.79 0.96 -31.94
C2 OLC T . 14.69 1.70 -32.97
C21 OLC T . 13.90 0.33 -36.28
C1 OLC T . 14.02 1.67 -34.35
C22 OLC T . 13.66 1.04 -37.61
O19 OLC T . 12.93 2.11 -34.50
O25 OLC T . 14.24 -1.07 -38.60
O23 OLC T . 12.59 1.92 -37.48
O20 OLC T . 14.70 1.14 -35.45
C1 OLA U . -7.44 -12.78 4.29
O1 OLA U . -7.12 -14.00 4.24
O2 OLA U . -8.62 -12.45 4.04
C2 OLA U . -6.41 -11.74 4.65
C3 OLA U . -5.96 -10.98 3.41
C4 OLA U . -4.44 -10.96 3.32
C5 OLA U . -3.93 -9.57 2.98
C6 OLA U . -2.58 -9.61 2.28
C7 OLA U . -2.28 -8.26 1.65
C8 OLA U . -3.44 -7.80 0.77
C9 OLA U . -3.13 -8.15 -0.66
C10 OLA U . -4.12 -7.94 -1.72
C11 OLA U . -5.00 -9.06 -2.22
C12 OLA U . -5.71 -8.61 -3.48
C13 OLA U . -4.72 -8.46 -4.64
C14 OLA U . -5.23 -9.14 -5.91
C15 OLA U . -5.91 -10.47 -5.61
C16 OLA U . -7.11 -10.68 -6.52
C17 OLA U . -7.00 -12.00 -7.28
C18 OLA U . -7.20 -13.18 -6.34
C1 OLA V . 4.33 -19.06 -4.72
O1 OLA V . 3.67 -20.07 -4.39
O2 OLA V . 4.81 -18.33 -3.82
C2 OLA V . 4.53 -18.71 -6.18
C3 OLA V . 4.20 -19.92 -7.03
C4 OLA V . 3.29 -19.53 -8.20
C5 OLA V . 4.11 -19.28 -9.45
C6 OLA V . 4.03 -20.48 -10.39
C7 OLA V . 4.10 -20.05 -11.85
C8 OLA V . 3.21 -20.95 -12.72
C9 OLA V . 1.78 -20.48 -12.60
C10 OLA V . 0.70 -21.35 -13.10
C11 OLA V . 1.03 -22.70 -13.68
C12 OLA V . 0.59 -22.73 -15.15
C13 OLA V . 1.68 -22.13 -16.02
C14 OLA V . 2.10 -23.09 -17.14
C15 OLA V . 1.30 -22.80 -18.40
C16 OLA V . 1.76 -23.64 -19.58
C17 OLA V . 1.17 -23.12 -20.88
C18 OLA V . 1.23 -24.16 -21.98
C1 OLA W . 3.76 -26.37 -32.32
O1 OLA W . 3.94 -27.60 -32.18
O2 OLA W . 4.34 -25.77 -33.25
C2 OLA W . 2.84 -25.61 -31.37
C3 OLA W . 3.41 -25.66 -29.95
C4 OLA W . 2.29 -25.64 -28.92
C5 OLA W . 2.45 -24.48 -27.96
C6 OLA W . 3.73 -24.58 -27.12
C7 OLA W . 3.44 -24.41 -25.63
C8 OLA W . 4.72 -24.11 -24.86
C9 OLA W . 4.42 -23.94 -23.40
C10 OLA W . 5.52 -23.55 -22.49
C11 OLA W . 6.83 -24.27 -22.58
C12 OLA W . 7.97 -23.26 -22.53
#